data_8QT2
#
_entry.id   8QT2
#
_cell.length_a   36.041
_cell.length_b   73.370
_cell.length_c   55.119
_cell.angle_alpha   90.00
_cell.angle_beta   95.41
_cell.angle_gamma   90.00
#
_symmetry.space_group_name_H-M   'P 1 21 1'
#
loop_
_entity.id
_entity.type
_entity.pdbx_description
1 polymer 'NAD-dependent protein deacetylase sirtuin-2'
2 polymer 'Peptide-based super-slow substrate TNFn-6'
3 non-polymer 'ZINC ION'
4 non-polymer 1,2-ETHANEDIOL
5 non-polymer 2-[BIS-(2-HYDROXY-ETHYL)-AMINO]-2-HYDROXYMETHYL-PROPANE-1,3-DIOL
6 non-polymer (R,R)-2,3-BUTANEDIOL
7 non-polymer '3-dodecylsulfanyl-2,2-dimethyl-propanoic acid'
8 water water
#
loop_
_entity_poly.entity_id
_entity_poly.type
_entity_poly.pdbx_seq_one_letter_code
_entity_poly.pdbx_strand_id
1 'polypeptide(L)'
;GHMERLLDELTLEGVARYMQSERCRRVICLVGAGISTSAGIPDFRSPSTGLYDNLEKYHLPYPEAIFEISYFKKHPEPFF
ALAKELYPGQFKPTICHYFMRLLKDKGLLLRCYTQNIDTLERIAGLEQEDLVEAHGTFYTSHCVSASCRHEYPLSWMKEK
IFSEVTPKCEDCQSLVKPDIVFFGESLPARFFSCMQSDFLKVDLLLVMGTSLQVQPFASLISKAPLSTPRLLINKEKAGQ
SDPFLGMIMGLGGGMDFDSKKAYRDVAWLGECDQGCLALAELLGWKKELEDLVRREHASIDAQS
;
A
2 'polypeptide(L)' EALPKK(NIY)GG(NH2) B
#
# COMPACT_ATOMS: atom_id res chain seq x y z
N ARG A 5 -20.86 -17.05 -14.81
CA ARG A 5 -20.00 -16.13 -14.08
C ARG A 5 -20.49 -15.91 -12.65
N LEU A 6 -19.56 -15.56 -11.75
CA LEU A 6 -19.90 -15.41 -10.35
C LEU A 6 -20.66 -14.12 -10.10
N LEU A 7 -20.36 -13.05 -10.84
CA LEU A 7 -21.11 -11.80 -10.71
C LEU A 7 -22.37 -11.87 -11.56
N ASP A 8 -23.50 -11.47 -10.99
CA ASP A 8 -24.73 -11.44 -11.78
C ASP A 8 -24.79 -10.24 -12.71
N GLU A 9 -24.01 -9.19 -12.44
CA GLU A 9 -23.83 -8.09 -13.38
C GLU A 9 -22.53 -7.38 -13.04
N LEU A 10 -21.96 -6.72 -14.05
CA LEU A 10 -20.63 -6.11 -13.93
C LEU A 10 -20.74 -4.67 -13.41
N THR A 11 -21.19 -4.58 -12.16
CA THR A 11 -21.44 -3.30 -11.49
C THR A 11 -21.04 -3.42 -10.03
N LEU A 12 -20.98 -2.28 -9.33
CA LEU A 12 -20.76 -2.31 -7.89
C LEU A 12 -21.88 -3.07 -7.18
N GLU A 13 -23.12 -2.92 -7.65
CA GLU A 13 -24.22 -3.67 -7.07
C GLU A 13 -24.01 -5.17 -7.24
N GLY A 14 -23.54 -5.58 -8.42
CA GLY A 14 -23.24 -7.00 -8.62
C GLY A 14 -22.17 -7.49 -7.66
N VAL A 15 -21.15 -6.68 -7.42
CA VAL A 15 -20.10 -7.09 -6.49
C VAL A 15 -20.63 -7.20 -5.07
N ALA A 16 -21.47 -6.24 -4.66
CA ALA A 16 -22.02 -6.27 -3.31
C ALA A 16 -22.88 -7.52 -3.10
N ARG A 17 -23.72 -7.87 -4.06
CA ARG A 17 -24.51 -9.09 -3.93
C ARG A 17 -23.60 -10.31 -3.84
N TYR A 18 -22.54 -10.34 -4.63
CA TYR A 18 -21.61 -11.46 -4.55
C TYR A 18 -20.94 -11.54 -3.18
N MET A 19 -20.57 -10.39 -2.62
CA MET A 19 -19.92 -10.35 -1.31
C MET A 19 -20.84 -10.87 -0.21
N GLN A 20 -22.15 -10.72 -0.36
CA GLN A 20 -23.03 -11.23 0.67
CA GLN A 20 -23.15 -11.17 0.58
C GLN A 20 -23.57 -12.62 0.37
N SER A 21 -23.13 -13.24 -0.71
CA SER A 21 -23.47 -14.62 -1.03
C SER A 21 -22.50 -15.58 -0.32
N GLU A 22 -22.89 -16.86 -0.27
CA GLU A 22 -22.03 -17.83 0.40
C GLU A 22 -20.75 -18.10 -0.38
N ARG A 23 -20.66 -17.68 -1.64
CA ARG A 23 -19.48 -17.95 -2.45
C ARG A 23 -18.30 -17.05 -2.13
N CYS A 24 -18.53 -15.91 -1.50
CA CYS A 24 -17.48 -14.91 -1.29
C CYS A 24 -17.07 -14.96 0.17
N ARG A 25 -15.94 -15.61 0.44
CA ARG A 25 -15.47 -15.78 1.81
C ARG A 25 -14.15 -15.08 2.08
N ARG A 26 -13.31 -14.90 1.07
CA ARG A 26 -11.92 -14.50 1.25
C ARG A 26 -11.60 -13.40 0.26
N VAL A 27 -11.27 -12.22 0.79
CA VAL A 27 -11.01 -11.03 -0.02
C VAL A 27 -9.53 -10.69 0.10
N ILE A 28 -8.88 -10.43 -1.05
CA ILE A 28 -7.56 -9.82 -1.08
C ILE A 28 -7.70 -8.39 -1.56
N CYS A 29 -7.13 -7.46 -0.81
CA CYS A 29 -7.05 -6.07 -1.22
C CYS A 29 -5.67 -5.78 -1.78
N LEU A 30 -5.63 -5.04 -2.88
CA LEU A 30 -4.38 -4.55 -3.45
C LEU A 30 -4.50 -3.04 -3.48
N VAL A 31 -3.65 -2.35 -2.72
CA VAL A 31 -3.84 -0.91 -2.55
C VAL A 31 -2.56 -0.15 -2.84
N GLY A 32 -2.73 1.07 -3.35
CA GLY A 32 -1.63 1.96 -3.65
C GLY A 32 -1.83 3.38 -3.16
N ALA A 33 -1.09 4.31 -3.75
CA ALA A 33 -1.01 5.67 -3.22
C ALA A 33 -2.35 6.37 -3.22
N GLY A 34 -3.26 5.96 -4.10
CA GLY A 34 -4.58 6.59 -4.20
C GLY A 34 -5.45 6.45 -2.97
N ILE A 35 -5.15 5.49 -2.07
CA ILE A 35 -5.95 5.36 -0.86
C ILE A 35 -5.42 6.24 0.27
N SER A 36 -4.28 6.91 0.08
CA SER A 36 -3.73 7.76 1.13
C SER A 36 -3.66 9.24 0.74
N THR A 37 -3.99 9.59 -0.50
CA THR A 37 -3.91 11.00 -0.86
C THR A 37 -4.92 11.82 -0.08
N SER A 38 -6.07 11.26 0.25
CA SER A 38 -7.04 12.06 1.00
C SER A 38 -6.66 12.20 2.47
N ALA A 39 -5.63 11.49 2.92
CA ALA A 39 -5.02 11.66 4.22
C ALA A 39 -3.88 12.67 4.19
N GLY A 40 -3.63 13.29 3.04
CA GLY A 40 -2.56 14.25 2.90
C GLY A 40 -1.21 13.67 2.53
N ILE A 41 -1.14 12.37 2.24
CA ILE A 41 0.12 11.71 1.90
C ILE A 41 0.29 11.78 0.38
N PRO A 42 1.35 12.39 -0.14
CA PRO A 42 1.52 12.47 -1.60
C PRO A 42 1.95 11.14 -2.20
N ASP A 43 1.69 10.99 -3.49
CA ASP A 43 2.14 9.81 -4.24
C ASP A 43 3.63 9.91 -4.50
N PHE A 44 4.43 9.10 -3.79
CA PHE A 44 5.88 9.21 -3.87
C PHE A 44 6.48 8.66 -5.16
N ARG A 45 5.70 7.95 -5.99
CA ARG A 45 6.18 7.48 -7.28
C ARG A 45 5.61 8.29 -8.45
N SER A 46 4.96 9.41 -8.16
CA SER A 46 4.43 10.24 -9.22
C SER A 46 5.41 11.34 -9.59
N PRO A 47 5.78 11.49 -10.87
CA PRO A 47 6.64 12.63 -11.22
C PRO A 47 6.06 13.97 -10.81
N SER A 48 4.73 14.09 -10.72
CA SER A 48 4.13 15.37 -10.36
C SER A 48 4.48 15.78 -8.93
N THR A 49 4.88 14.84 -8.07
CA THR A 49 5.26 15.17 -6.71
C THR A 49 6.62 15.86 -6.63
N GLY A 50 7.45 15.72 -7.66
CA GLY A 50 8.71 16.45 -7.72
C GLY A 50 9.77 16.00 -6.74
N LEU A 51 9.82 14.71 -6.41
CA LEU A 51 10.82 14.24 -5.48
C LEU A 51 12.24 14.48 -5.99
N TYR A 52 12.46 14.31 -7.29
CA TYR A 52 13.79 14.41 -7.87
C TYR A 52 14.13 15.82 -8.36
N ASP A 53 13.36 16.83 -7.98
CA ASP A 53 13.48 18.15 -8.60
C ASP A 53 14.44 19.08 -7.87
N ASN A 54 14.31 19.21 -6.54
CA ASN A 54 15.10 20.18 -5.80
C ASN A 54 16.21 19.53 -4.99
N LEU A 55 17.00 18.67 -5.63
CA LEU A 55 18.05 17.93 -4.96
C LEU A 55 19.44 18.52 -5.20
N GLU A 56 19.50 19.77 -5.67
CA GLU A 56 20.78 20.31 -6.12
C GLU A 56 21.81 20.35 -5.01
N LYS A 57 21.39 20.71 -3.79
CA LYS A 57 22.38 20.97 -2.75
C LYS A 57 23.04 19.70 -2.25
N TYR A 58 22.58 18.53 -2.69
CA TYR A 58 23.12 17.24 -2.25
C TYR A 58 24.18 16.70 -3.19
N HIS A 59 24.32 17.27 -4.39
CA HIS A 59 25.41 16.92 -5.30
C HIS A 59 25.43 15.41 -5.57
N LEU A 60 24.26 14.88 -5.92
CA LEU A 60 24.08 13.45 -6.17
C LEU A 60 24.63 13.08 -7.54
N PRO A 61 25.16 11.87 -7.69
CA PRO A 61 25.60 11.43 -9.03
C PRO A 61 24.45 11.33 -10.02
N TYR A 62 23.27 10.96 -9.56
CA TYR A 62 22.06 10.93 -10.36
C TYR A 62 20.88 11.12 -9.42
N PRO A 63 19.77 11.70 -9.90
CA PRO A 63 18.65 12.01 -9.00
C PRO A 63 18.18 10.83 -8.16
N GLU A 64 18.07 9.64 -8.76
CA GLU A 64 17.53 8.49 -8.06
C GLU A 64 18.46 7.97 -6.98
N ALA A 65 19.71 8.44 -6.94
CA ALA A 65 20.66 7.99 -5.93
C ALA A 65 20.14 8.22 -4.52
N ILE A 66 19.26 9.21 -4.34
CA ILE A 66 18.75 9.50 -3.01
C ILE A 66 17.88 8.37 -2.47
N PHE A 67 17.46 7.43 -3.32
CA PHE A 67 16.65 6.30 -2.88
C PHE A 67 17.32 4.95 -3.19
N GLU A 68 18.61 4.97 -3.52
CA GLU A 68 19.35 3.74 -3.79
C GLU A 68 20.16 3.35 -2.56
N ILE A 69 20.20 2.04 -2.28
CA ILE A 69 20.70 1.58 -0.98
C ILE A 69 22.20 1.84 -0.84
N SER A 70 22.98 1.58 -1.90
CA SER A 70 24.43 1.73 -1.75
C SER A 70 24.80 3.18 -1.53
N TYR A 71 24.17 4.11 -2.23
CA TYR A 71 24.44 5.53 -2.00
C TYR A 71 23.99 5.93 -0.60
N PHE A 72 22.77 5.54 -0.21
CA PHE A 72 22.29 5.86 1.13
C PHE A 72 23.30 5.46 2.20
N LYS A 73 23.83 4.23 2.11
CA LYS A 73 24.71 3.75 3.18
C LYS A 73 26.02 4.52 3.25
N LYS A 74 26.42 5.18 2.16
CA LYS A 74 27.60 6.03 2.16
C LYS A 74 27.29 7.47 2.55
N HIS A 75 26.14 7.97 2.10
CA HIS A 75 25.76 9.38 2.29
C HIS A 75 24.27 9.43 2.63
N PRO A 76 23.92 9.15 3.88
CA PRO A 76 22.49 9.10 4.23
C PRO A 76 21.86 10.44 4.46
N GLU A 77 22.68 11.50 4.59
CA GLU A 77 22.14 12.81 4.95
C GLU A 77 21.12 13.32 3.95
N PRO A 78 21.33 13.25 2.63
CA PRO A 78 20.27 13.72 1.71
C PRO A 78 18.93 13.07 1.95
N PHE A 79 18.90 11.74 2.08
CA PHE A 79 17.62 11.06 2.29
C PHE A 79 16.93 11.57 3.55
N PHE A 80 17.66 11.72 4.65
CA PHE A 80 17.01 12.12 5.88
C PHE A 80 16.61 13.59 5.84
N ALA A 81 17.34 14.42 5.09
CA ALA A 81 16.93 15.81 4.92
C ALA A 81 15.62 15.87 4.14
N LEU A 82 15.48 15.05 3.11
CA LEU A 82 14.25 15.00 2.35
C LEU A 82 13.12 14.39 3.19
N ALA A 83 13.44 13.37 3.99
CA ALA A 83 12.40 12.77 4.82
C ALA A 83 11.81 13.79 5.79
N LYS A 84 12.64 14.70 6.32
CA LYS A 84 12.10 15.75 7.19
C LYS A 84 11.17 16.67 6.41
N GLU A 85 11.54 17.02 5.17
CA GLU A 85 10.72 17.90 4.35
C GLU A 85 9.36 17.28 4.02
N LEU A 86 9.32 15.97 3.77
CA LEU A 86 8.09 15.32 3.36
C LEU A 86 7.30 14.71 4.51
N TYR A 87 7.82 14.72 5.73
CA TYR A 87 7.16 14.00 6.83
C TYR A 87 5.76 14.54 7.04
N PRO A 88 4.73 13.67 7.13
CA PRO A 88 3.35 14.16 7.22
C PRO A 88 3.11 14.88 8.53
N GLY A 89 2.15 15.82 8.49
CA GLY A 89 1.78 16.51 9.70
C GLY A 89 0.93 15.69 10.65
N GLN A 90 0.37 14.59 10.18
CA GLN A 90 -0.53 13.76 10.97
C GLN A 90 -0.70 12.45 10.21
N PHE A 91 -0.99 11.39 10.96
CA PHE A 91 -1.22 10.06 10.41
C PHE A 91 -2.65 9.65 10.71
N LYS A 92 -3.57 10.07 9.85
CA LYS A 92 -4.99 9.80 10.04
C LYS A 92 -5.48 8.95 8.87
N PRO A 93 -5.72 7.64 9.06
CA PRO A 93 -6.12 6.80 7.93
C PRO A 93 -7.46 7.23 7.34
N THR A 94 -7.69 6.81 6.11
CA THR A 94 -8.88 7.22 5.35
C THR A 94 -10.03 6.24 5.53
N ILE A 95 -11.19 6.65 5.00
CA ILE A 95 -12.35 5.75 4.93
C ILE A 95 -11.94 4.42 4.31
N CYS A 96 -11.09 4.47 3.27
CA CYS A 96 -10.66 3.25 2.60
CA CYS A 96 -10.65 3.25 2.60
C CYS A 96 -9.90 2.32 3.54
N HIS A 97 -8.97 2.89 4.32
CA HIS A 97 -8.26 2.10 5.31
C HIS A 97 -9.21 1.45 6.31
N TYR A 98 -10.19 2.23 6.80
CA TYR A 98 -11.09 1.65 7.80
C TYR A 98 -12.08 0.67 7.18
N PHE A 99 -12.39 0.83 5.89
CA PHE A 99 -13.17 -0.20 5.21
C PHE A 99 -12.45 -1.55 5.27
N MET A 100 -11.12 -1.55 5.11
CA MET A 100 -10.39 -2.80 5.22
C MET A 100 -10.39 -3.32 6.64
N ARG A 101 -10.35 -2.44 7.64
CA ARG A 101 -10.51 -2.92 9.02
C ARG A 101 -11.86 -3.59 9.22
N LEU A 102 -12.92 -3.05 8.61
CA LEU A 102 -14.22 -3.71 8.69
C LEU A 102 -14.19 -5.08 8.03
N LEU A 103 -13.56 -5.20 6.86
CA LEU A 103 -13.41 -6.52 6.25
C LEU A 103 -12.76 -7.48 7.22
N LYS A 104 -11.69 -7.04 7.88
CA LYS A 104 -11.01 -7.86 8.88
C LYS A 104 -11.95 -8.25 10.00
N ASP A 105 -12.68 -7.27 10.55
CA ASP A 105 -13.61 -7.54 11.65
C ASP A 105 -14.64 -8.60 11.29
N LYS A 106 -15.08 -8.59 10.04
CA LYS A 106 -16.13 -9.49 9.59
C LYS A 106 -15.59 -10.81 9.06
N GLY A 107 -14.30 -11.07 9.24
CA GLY A 107 -13.71 -12.35 8.89
C GLY A 107 -13.50 -12.56 7.41
N LEU A 108 -13.57 -11.49 6.61
CA LEU A 108 -13.47 -11.57 5.16
C LEU A 108 -12.09 -11.24 4.61
N LEU A 109 -11.18 -10.68 5.40
CA LEU A 109 -9.91 -10.18 4.87
C LEU A 109 -8.87 -11.29 4.86
N LEU A 110 -8.54 -11.79 3.67
CA LEU A 110 -7.44 -12.75 3.58
C LEU A 110 -6.09 -12.05 3.68
N ARG A 111 -5.91 -10.93 2.96
CA ARG A 111 -4.64 -10.22 2.99
C ARG A 111 -4.83 -8.87 2.33
N CYS A 112 -4.06 -7.88 2.80
CA CYS A 112 -3.92 -6.60 2.12
C CYS A 112 -2.49 -6.47 1.63
N TYR A 113 -2.31 -6.42 0.32
CA TYR A 113 -1.01 -6.12 -0.28
C TYR A 113 -0.97 -4.62 -0.54
N THR A 114 0.03 -3.94 0.01
CA THR A 114 0.08 -2.49 -0.14
C THR A 114 1.41 -2.05 -0.73
N GLN A 115 1.36 -1.06 -1.62
CA GLN A 115 2.56 -0.39 -2.11
C GLN A 115 2.96 0.80 -1.24
N ASN A 116 2.16 1.16 -0.24
CA ASN A 116 2.39 2.37 0.53
C ASN A 116 3.35 2.11 1.69
N ILE A 117 4.06 3.17 2.07
CA ILE A 117 5.03 3.12 3.16
C ILE A 117 4.57 3.94 4.36
N ASP A 118 3.36 4.50 4.32
CA ASP A 118 2.94 5.53 5.25
C ASP A 118 2.37 5.02 6.57
N THR A 119 2.28 3.70 6.76
CA THR A 119 1.85 3.03 7.99
C THR A 119 0.36 3.10 8.25
N LEU A 120 -0.42 3.74 7.38
CA LEU A 120 -1.82 3.99 7.70
C LEU A 120 -2.63 2.69 7.83
N GLU A 121 -2.23 1.61 7.13
CA GLU A 121 -2.91 0.33 7.29
C GLU A 121 -2.84 -0.14 8.73
N ARG A 122 -1.66 0.01 9.35
CA ARG A 122 -1.46 -0.43 10.72
C ARG A 122 -2.22 0.45 11.70
N ILE A 123 -2.16 1.76 11.51
CA ILE A 123 -2.90 2.67 12.39
C ILE A 123 -4.38 2.34 12.35
N ALA A 124 -4.90 2.01 11.17
CA ALA A 124 -6.32 1.68 11.00
C ALA A 124 -6.69 0.33 11.59
N GLY A 125 -5.72 -0.46 12.03
CA GLY A 125 -6.02 -1.68 12.74
C GLY A 125 -5.76 -2.97 12.00
N LEU A 126 -5.10 -2.93 10.86
CA LEU A 126 -4.63 -4.18 10.27
C LEU A 126 -3.35 -4.62 10.97
N GLU A 127 -3.23 -5.92 11.21
CA GLU A 127 -2.08 -6.43 11.94
C GLU A 127 -1.03 -6.98 10.95
N GLN A 128 0.16 -7.25 11.48
CA GLN A 128 1.24 -7.75 10.64
C GLN A 128 0.77 -8.93 9.79
N GLU A 129 0.05 -9.88 10.40
CA GLU A 129 -0.38 -11.06 9.66
C GLU A 129 -1.29 -10.71 8.49
N ASP A 130 -2.02 -9.58 8.58
CA ASP A 130 -2.95 -9.20 7.54
C ASP A 130 -2.28 -8.51 6.37
N LEU A 131 -1.00 -8.11 6.50
CA LEU A 131 -0.37 -7.18 5.57
C LEU A 131 0.79 -7.80 4.82
N VAL A 132 0.87 -7.49 3.53
CA VAL A 132 2.11 -7.62 2.77
C VAL A 132 2.48 -6.21 2.33
N GLU A 133 3.51 -5.65 2.97
CA GLU A 133 4.00 -4.32 2.60
C GLU A 133 5.05 -4.52 1.52
N ALA A 134 4.61 -4.40 0.27
CA ALA A 134 5.43 -4.80 -0.87
C ALA A 134 6.70 -3.98 -0.98
N HIS A 135 6.67 -2.72 -0.52
CA HIS A 135 7.85 -1.87 -0.53
C HIS A 135 8.30 -1.50 0.88
N GLY A 136 7.93 -2.30 1.87
CA GLY A 136 8.32 -2.01 3.23
C GLY A 136 7.49 -0.89 3.83
N THR A 137 7.99 -0.35 4.94
CA THR A 137 7.21 0.60 5.73
C THR A 137 8.15 1.46 6.57
N PHE A 138 7.68 2.67 6.88
CA PHE A 138 8.35 3.51 7.88
C PHE A 138 8.02 3.10 9.31
N TYR A 139 7.14 2.09 9.49
CA TYR A 139 6.63 1.73 10.81
C TYR A 139 7.76 1.29 11.74
N THR A 140 8.74 0.58 11.20
CA THR A 140 9.89 0.15 11.96
C THR A 140 11.15 0.51 11.17
N SER A 141 12.27 0.56 11.90
CA SER A 141 13.56 0.83 11.31
C SER A 141 14.55 -0.14 11.94
N HIS A 142 15.65 -0.40 11.23
CA HIS A 142 16.64 -1.34 11.72
C HIS A 142 18.04 -0.80 11.52
N CYS A 143 18.89 -1.04 12.52
CA CYS A 143 20.32 -0.98 12.31
C CYS A 143 20.70 -1.73 11.05
N VAL A 144 21.56 -1.12 10.21
CA VAL A 144 21.90 -1.76 8.94
C VAL A 144 22.99 -2.82 9.05
N SER A 145 23.62 -2.96 10.22
CA SER A 145 24.68 -3.95 10.36
C SER A 145 24.07 -5.35 10.48
N ALA A 146 24.54 -6.28 9.64
CA ALA A 146 23.95 -7.60 9.60
C ALA A 146 24.09 -8.33 10.94
N SER A 147 25.15 -8.04 11.69
CA SER A 147 25.43 -8.70 12.96
CA SER A 147 25.41 -8.71 12.96
C SER A 147 24.64 -8.12 14.12
N CYS A 148 23.85 -7.08 13.89
CA CYS A 148 23.18 -6.39 14.99
C CYS A 148 21.68 -6.32 14.74
N ARG A 149 21.27 -5.52 13.75
CA ARG A 149 19.87 -5.43 13.32
C ARG A 149 18.94 -4.98 14.44
N HIS A 150 19.43 -4.16 15.37
CA HIS A 150 18.56 -3.59 16.39
C HIS A 150 17.37 -2.87 15.75
N GLU A 151 16.17 -3.11 16.26
CA GLU A 151 14.95 -2.53 15.71
CA GLU A 151 14.95 -2.53 15.71
C GLU A 151 14.53 -1.29 16.50
N TYR A 152 14.10 -0.25 15.78
CA TYR A 152 13.68 0.99 16.42
C TYR A 152 12.29 1.38 15.93
N PRO A 153 11.46 1.92 16.83
CA PRO A 153 10.10 2.32 16.44
C PRO A 153 10.09 3.66 15.73
N LEU A 154 8.95 3.95 15.08
CA LEU A 154 8.86 5.19 14.31
C LEU A 154 9.04 6.44 15.17
N SER A 155 8.62 6.40 16.45
CA SER A 155 8.80 7.58 17.29
C SER A 155 10.28 7.91 17.46
N TRP A 156 11.11 6.87 17.61
CA TRP A 156 12.56 7.06 17.69
C TRP A 156 13.09 7.67 16.40
N MET A 157 12.68 7.09 15.26
CA MET A 157 13.11 7.58 13.95
C MET A 157 12.63 9.02 13.71
N LYS A 158 11.36 9.31 14.03
CA LYS A 158 10.84 10.66 13.86
C LYS A 158 11.70 11.69 14.58
N GLU A 159 12.06 11.41 15.85
CA GLU A 159 12.84 12.34 16.64
C GLU A 159 14.20 12.63 15.98
N LYS A 160 14.84 11.59 15.45
CA LYS A 160 16.12 11.80 14.78
C LYS A 160 15.93 12.63 13.52
N ILE A 161 14.89 12.33 12.74
CA ILE A 161 14.65 13.09 11.51
C ILE A 161 14.41 14.56 11.82
N PHE A 162 13.65 14.86 12.86
CA PHE A 162 13.29 16.25 13.11
C PHE A 162 14.40 17.03 13.80
N SER A 163 15.21 16.38 14.63
CA SER A 163 16.36 17.03 15.21
C SER A 163 17.54 17.11 14.25
N GLU A 164 17.40 16.55 13.04
CA GLU A 164 18.46 16.59 12.03
C GLU A 164 19.73 15.90 12.54
N VAL A 165 19.54 14.84 13.30
CA VAL A 165 20.62 13.97 13.76
C VAL A 165 20.53 12.69 12.95
N THR A 166 21.59 12.37 12.23
CA THR A 166 21.58 11.13 11.46
C THR A 166 21.39 9.97 12.41
N PRO A 167 20.35 9.14 12.23
CA PRO A 167 20.07 8.06 13.20
C PRO A 167 21.16 7.01 13.19
N LYS A 168 21.74 6.75 14.36
CA LYS A 168 22.77 5.73 14.57
C LYS A 168 22.32 4.76 15.65
N CYS A 169 22.74 3.51 15.51
CA CYS A 169 22.32 2.45 16.42
C CYS A 169 23.00 2.61 17.78
N GLU A 170 22.21 2.48 18.85
CA GLU A 170 22.77 2.66 20.19
C GLU A 170 23.66 1.49 20.62
N ASP A 171 23.54 0.34 19.98
CA ASP A 171 24.37 -0.82 20.30
C ASP A 171 25.72 -0.80 19.58
N CYS A 172 25.72 -0.44 18.29
CA CYS A 172 26.91 -0.57 17.48
C CYS A 172 27.26 0.68 16.68
N GLN A 173 26.44 1.72 16.73
CA GLN A 173 26.65 3.01 16.07
C GLN A 173 26.63 2.95 14.54
N SER A 174 26.17 1.84 13.95
CA SER A 174 25.86 1.82 12.52
C SER A 174 24.63 2.67 12.22
N LEU A 175 24.46 2.99 10.93
CA LEU A 175 23.25 3.69 10.49
CA LEU A 175 23.27 3.69 10.48
C LEU A 175 22.00 2.87 10.78
N VAL A 176 20.92 3.57 11.09
CA VAL A 176 19.60 2.97 11.25
C VAL A 176 18.73 3.47 10.10
N LYS A 177 18.10 2.53 9.39
CA LYS A 177 17.38 2.84 8.16
C LYS A 177 15.90 2.47 8.32
N PRO A 178 14.98 3.33 7.91
CA PRO A 178 13.57 2.93 7.88
C PRO A 178 13.39 1.68 7.02
N ASP A 179 12.42 0.85 7.41
CA ASP A 179 12.23 -0.44 6.76
C ASP A 179 11.52 -0.34 5.42
N ILE A 180 11.75 0.76 4.69
CA ILE A 180 11.29 0.81 3.30
C ILE A 180 12.33 0.14 2.42
N VAL A 181 11.89 -0.37 1.28
CA VAL A 181 12.78 -1.03 0.34
C VAL A 181 13.38 0.04 -0.58
N PHE A 182 14.66 0.35 -0.38
CA PHE A 182 15.37 1.24 -1.28
C PHE A 182 15.62 0.54 -2.61
N PHE A 183 15.82 1.34 -3.66
CA PHE A 183 16.26 0.76 -4.93
C PHE A 183 17.56 0.01 -4.71
N GLY A 184 17.68 -1.18 -5.31
CA GLY A 184 18.85 -2.01 -5.13
C GLY A 184 18.79 -2.96 -3.95
N GLU A 185 17.77 -2.84 -3.10
CA GLU A 185 17.51 -3.81 -2.04
C GLU A 185 16.61 -4.94 -2.57
N SER A 186 16.75 -6.11 -1.95
CA SER A 186 15.81 -7.19 -2.22
C SER A 186 14.37 -6.78 -1.88
N LEU A 187 13.44 -7.16 -2.73
CA LEU A 187 12.04 -7.07 -2.39
C LEU A 187 11.75 -8.09 -1.27
N PRO A 188 10.71 -7.86 -0.48
CA PRO A 188 10.50 -8.70 0.72
C PRO A 188 10.17 -10.14 0.37
N ALA A 189 10.82 -11.09 1.04
CA ALA A 189 10.48 -12.50 0.82
C ALA A 189 8.99 -12.76 1.06
N ARG A 190 8.41 -12.07 2.04
CA ARG A 190 7.00 -12.25 2.37
C ARG A 190 6.10 -11.96 1.17
N PHE A 191 6.50 -11.00 0.32
CA PHE A 191 5.70 -10.70 -0.87
C PHE A 191 5.52 -11.94 -1.72
N PHE A 192 6.61 -12.68 -1.95
CA PHE A 192 6.54 -13.82 -2.85
C PHE A 192 5.92 -15.04 -2.16
N SER A 193 6.24 -15.24 -0.89
CA SER A 193 5.71 -16.39 -0.17
CA SER A 193 5.70 -16.41 -0.20
C SER A 193 4.20 -16.28 0.00
N CYS A 194 3.73 -15.09 0.37
CA CYS A 194 2.28 -14.94 0.56
C CYS A 194 1.55 -15.03 -0.76
N MET A 195 2.12 -14.45 -1.82
CA MET A 195 1.48 -14.51 -3.12
C MET A 195 1.26 -15.97 -3.55
N GLN A 196 2.24 -16.83 -3.31
CA GLN A 196 2.14 -18.21 -3.73
C GLN A 196 1.04 -18.97 -3.01
N SER A 197 0.64 -18.52 -1.82
CA SER A 197 -0.39 -19.21 -1.05
C SER A 197 -1.73 -18.51 -1.14
N ASP A 198 -1.76 -17.18 -1.07
CA ASP A 198 -3.01 -16.47 -0.94
C ASP A 198 -3.87 -16.62 -2.19
N PHE A 199 -3.26 -16.66 -3.36
CA PHE A 199 -4.07 -16.59 -4.57
C PHE A 199 -4.65 -17.94 -4.93
N LEU A 200 -4.29 -18.99 -4.21
CA LEU A 200 -5.04 -20.24 -4.27
C LEU A 200 -6.39 -20.13 -3.59
N LYS A 201 -6.59 -19.12 -2.73
CA LYS A 201 -7.68 -19.11 -1.77
C LYS A 201 -8.65 -17.95 -1.96
N VAL A 202 -8.39 -17.08 -2.92
CA VAL A 202 -9.10 -15.81 -2.99
C VAL A 202 -10.43 -15.96 -3.73
N ASP A 203 -11.45 -15.28 -3.20
CA ASP A 203 -12.78 -15.19 -3.80
C ASP A 203 -13.07 -13.85 -4.45
N LEU A 204 -12.35 -12.80 -4.06
CA LEU A 204 -12.61 -11.47 -4.60
C LEU A 204 -11.32 -10.68 -4.48
N LEU A 205 -10.96 -9.95 -5.55
CA LEU A 205 -9.84 -9.04 -5.52
C LEU A 205 -10.39 -7.63 -5.48
N LEU A 206 -10.03 -6.88 -4.45
CA LEU A 206 -10.43 -5.47 -4.36
CA LEU A 206 -10.42 -5.46 -4.34
C LEU A 206 -9.17 -4.62 -4.59
N VAL A 207 -9.15 -3.94 -5.73
CA VAL A 207 -7.96 -3.19 -6.18
C VAL A 207 -8.28 -1.71 -6.01
N MET A 208 -7.57 -1.01 -5.12
CA MET A 208 -7.97 0.36 -4.79
C MET A 208 -6.77 1.31 -4.82
N GLY A 209 -6.93 2.43 -5.51
CA GLY A 209 -5.94 3.48 -5.46
C GLY A 209 -4.58 3.11 -6.03
N THR A 210 -4.54 2.25 -7.03
CA THR A 210 -3.29 1.94 -7.71
C THR A 210 -3.49 1.95 -9.21
N SER A 211 -2.55 2.57 -9.93
CA SER A 211 -2.58 2.57 -11.38
CA SER A 211 -2.55 2.58 -11.39
C SER A 211 -2.00 1.29 -11.98
N LEU A 212 -1.55 0.35 -11.15
CA LEU A 212 -1.07 -0.94 -11.61
C LEU A 212 0.00 -0.76 -12.69
N GLN A 213 0.95 0.14 -12.42
CA GLN A 213 2.04 0.41 -13.36
C GLN A 213 3.40 -0.05 -12.87
N VAL A 214 3.55 -0.32 -11.58
CA VAL A 214 4.84 -0.67 -10.99
C VAL A 214 4.88 -2.18 -10.73
N GLN A 215 5.95 -2.87 -11.25
CA GLN A 215 6.16 -4.30 -11.08
C GLN A 215 7.11 -4.57 -9.91
N PRO A 216 6.98 -5.72 -9.25
CA PRO A 216 6.08 -6.84 -9.57
C PRO A 216 4.67 -6.68 -8.98
N PHE A 217 4.38 -5.57 -8.30
CA PHE A 217 3.09 -5.43 -7.65
C PHE A 217 1.95 -5.55 -8.65
N ALA A 218 2.10 -4.92 -9.82
CA ALA A 218 1.01 -4.89 -10.78
C ALA A 218 0.65 -6.29 -11.29
N SER A 219 1.62 -7.21 -11.31
CA SER A 219 1.34 -8.54 -11.80
C SER A 219 0.48 -9.36 -10.85
N LEU A 220 0.22 -8.87 -9.64
CA LEU A 220 -0.65 -9.62 -8.73
C LEU A 220 -2.04 -9.86 -9.31
N ILE A 221 -2.54 -8.97 -10.17
CA ILE A 221 -3.90 -9.19 -10.66
C ILE A 221 -3.97 -10.44 -11.54
N SER A 222 -2.85 -10.81 -12.18
CA SER A 222 -2.79 -11.99 -13.03
CA SER A 222 -2.80 -11.99 -13.02
C SER A 222 -2.65 -13.28 -12.22
N LYS A 223 -2.51 -13.18 -10.91
CA LYS A 223 -2.37 -14.36 -10.06
C LYS A 223 -3.72 -14.87 -9.58
N ALA A 224 -4.78 -14.11 -9.79
CA ALA A 224 -6.10 -14.54 -9.37
C ALA A 224 -6.58 -15.71 -10.22
N PRO A 225 -7.32 -16.64 -9.62
CA PRO A 225 -8.03 -17.63 -10.44
C PRO A 225 -8.89 -16.95 -11.49
N LEU A 226 -9.09 -17.65 -12.60
CA LEU A 226 -9.88 -17.10 -13.71
C LEU A 226 -11.30 -16.71 -13.30
N SER A 227 -11.90 -17.38 -12.32
CA SER A 227 -13.27 -17.04 -11.98
C SER A 227 -13.38 -15.87 -11.01
N THR A 228 -12.29 -15.50 -10.35
CA THR A 228 -12.36 -14.54 -9.24
C THR A 228 -12.74 -13.15 -9.72
N PRO A 229 -13.85 -12.57 -9.25
CA PRO A 229 -14.15 -11.18 -9.64
C PRO A 229 -13.08 -10.22 -9.15
N ARG A 230 -12.88 -9.14 -9.92
CA ARG A 230 -11.89 -8.13 -9.58
C ARG A 230 -12.54 -6.77 -9.70
N LEU A 231 -12.61 -6.04 -8.58
CA LEU A 231 -13.21 -4.71 -8.52
C LEU A 231 -12.11 -3.67 -8.39
N LEU A 232 -12.05 -2.74 -9.33
CA LEU A 232 -11.15 -1.59 -9.27
C LEU A 232 -11.92 -0.38 -8.75
N ILE A 233 -11.45 0.20 -7.64
CA ILE A 233 -11.96 1.47 -7.12
C ILE A 233 -10.83 2.47 -7.25
N ASN A 234 -10.94 3.41 -8.19
CA ASN A 234 -9.78 4.23 -8.53
C ASN A 234 -10.27 5.45 -9.29
N LYS A 235 -9.48 6.53 -9.26
CA LYS A 235 -9.89 7.74 -9.98
C LYS A 235 -9.89 7.51 -11.48
N GLU A 236 -9.02 6.62 -11.96
CA GLU A 236 -8.89 6.33 -13.39
C GLU A 236 -8.91 4.82 -13.62
N LYS A 237 -9.41 4.42 -14.77
CA LYS A 237 -9.35 3.01 -15.16
C LYS A 237 -7.89 2.58 -15.29
N ALA A 238 -7.60 1.35 -14.88
CA ALA A 238 -6.23 0.85 -14.88
C ALA A 238 -6.23 -0.67 -15.01
N GLY A 239 -5.07 -1.21 -15.38
CA GLY A 239 -4.86 -2.65 -15.37
C GLY A 239 -5.16 -3.37 -16.67
N GLN A 240 -5.62 -2.67 -17.71
CA GLN A 240 -5.92 -3.31 -18.97
C GLN A 240 -4.64 -3.60 -19.75
N SER A 241 -4.70 -4.57 -20.65
CA SER A 241 -3.54 -4.87 -21.47
C SER A 241 -3.12 -3.63 -22.27
N ASP A 242 -1.80 -3.49 -22.46
CA ASP A 242 -1.24 -2.33 -23.13
C ASP A 242 -1.13 -2.60 -24.62
N PRO A 243 -1.87 -1.88 -25.48
CA PRO A 243 -1.83 -2.20 -26.92
C PRO A 243 -0.44 -2.20 -27.51
N PHE A 244 0.51 -1.47 -26.90
CA PHE A 244 1.89 -1.44 -27.37
C PHE A 244 2.66 -2.62 -26.77
N LEU A 245 2.93 -2.55 -25.46
CA LEU A 245 3.71 -3.60 -24.79
C LEU A 245 2.97 -4.93 -24.78
N GLY A 246 1.67 -4.92 -24.48
CA GLY A 246 0.88 -6.13 -24.42
C GLY A 246 0.79 -6.92 -25.72
N GLY A 254 -4.68 -9.27 -17.97
CA GLY A 254 -5.11 -7.88 -17.85
C GLY A 254 -6.59 -7.74 -17.52
N MET A 255 -6.97 -6.59 -16.96
CA MET A 255 -8.38 -6.29 -16.71
C MET A 255 -9.13 -6.15 -18.02
N ASP A 256 -10.34 -6.73 -18.07
CA ASP A 256 -11.24 -6.54 -19.21
C ASP A 256 -12.57 -6.07 -18.64
N PHE A 257 -12.79 -4.74 -18.65
CA PHE A 257 -14.01 -4.18 -18.10
C PHE A 257 -15.13 -4.09 -19.13
N ASP A 258 -14.79 -3.88 -20.41
CA ASP A 258 -15.73 -3.31 -21.36
C ASP A 258 -15.97 -4.12 -22.63
N SER A 259 -15.23 -5.18 -22.89
CA SER A 259 -15.45 -5.90 -24.15
C SER A 259 -16.66 -6.81 -24.02
N LYS A 260 -17.13 -7.31 -25.17
CA LYS A 260 -18.19 -8.30 -25.15
C LYS A 260 -17.77 -9.58 -24.44
N LYS A 261 -16.48 -9.77 -24.19
CA LYS A 261 -15.98 -10.93 -23.48
C LYS A 261 -15.82 -10.68 -21.99
N ALA A 262 -16.08 -9.46 -21.53
CA ALA A 262 -15.93 -9.16 -20.10
C ALA A 262 -16.90 -10.01 -19.30
N TYR A 263 -16.40 -10.54 -18.17
CA TYR A 263 -17.22 -11.42 -17.35
C TYR A 263 -17.00 -11.27 -15.85
N ARG A 264 -15.96 -10.56 -15.40
CA ARG A 264 -15.69 -10.56 -13.96
C ARG A 264 -14.99 -9.31 -13.43
N ASP A 265 -14.62 -8.36 -14.27
CA ASP A 265 -13.89 -7.17 -13.84
C ASP A 265 -14.82 -5.97 -13.85
N VAL A 266 -14.76 -5.17 -12.80
CA VAL A 266 -15.66 -4.03 -12.61
C VAL A 266 -14.82 -2.82 -12.21
N ALA A 267 -15.11 -1.66 -12.83
CA ALA A 267 -14.44 -0.40 -12.51
C ALA A 267 -15.44 0.59 -11.93
N TRP A 268 -15.15 1.10 -10.73
CA TRP A 268 -15.86 2.20 -10.12
C TRP A 268 -14.91 3.39 -10.13
N LEU A 269 -15.22 4.41 -10.92
CA LEU A 269 -14.29 5.51 -11.15
C LEU A 269 -14.67 6.71 -10.28
N GLY A 270 -13.77 7.11 -9.42
CA GLY A 270 -14.03 8.22 -8.51
C GLY A 270 -13.02 8.16 -7.38
N GLU A 271 -13.25 9.02 -6.38
CA GLU A 271 -12.38 9.01 -5.21
C GLU A 271 -12.52 7.71 -4.45
N CYS A 272 -11.38 7.15 -4.02
CA CYS A 272 -11.39 5.86 -3.33
C CYS A 272 -12.30 5.89 -2.12
N ASP A 273 -12.27 6.98 -1.35
CA ASP A 273 -13.13 7.07 -0.18
C ASP A 273 -14.61 6.97 -0.55
N GLN A 274 -15.00 7.65 -1.62
CA GLN A 274 -16.39 7.63 -2.03
C GLN A 274 -16.79 6.27 -2.58
N GLY A 275 -15.85 5.58 -3.25
CA GLY A 275 -16.15 4.25 -3.74
C GLY A 275 -16.31 3.24 -2.62
N CYS A 276 -15.40 3.27 -1.65
CA CYS A 276 -15.54 2.37 -0.50
C CYS A 276 -16.79 2.71 0.30
N LEU A 277 -17.12 3.99 0.39
CA LEU A 277 -18.35 4.36 1.08
C LEU A 277 -19.56 3.81 0.36
N ALA A 278 -19.57 3.92 -0.98
CA ALA A 278 -20.68 3.39 -1.76
C ALA A 278 -20.80 1.88 -1.58
N LEU A 279 -19.67 1.17 -1.57
CA LEU A 279 -19.73 -0.27 -1.40
C LEU A 279 -20.21 -0.63 0.01
N ALA A 280 -19.67 0.04 1.03
CA ALA A 280 -20.14 -0.21 2.38
C ALA A 280 -21.63 0.05 2.49
N GLU A 281 -22.12 1.11 1.85
CA GLU A 281 -23.55 1.42 1.90
C GLU A 281 -24.38 0.28 1.32
N LEU A 282 -24.00 -0.23 0.14
CA LEU A 282 -24.71 -1.36 -0.44
C LEU A 282 -24.69 -2.55 0.50
N LEU A 283 -23.59 -2.76 1.22
CA LEU A 283 -23.47 -3.91 2.11
C LEU A 283 -24.22 -3.74 3.43
N GLY A 284 -24.78 -2.55 3.70
CA GLY A 284 -25.39 -2.30 5.00
C GLY A 284 -24.41 -1.95 6.09
N TRP A 285 -23.18 -1.57 5.72
CA TRP A 285 -22.11 -1.27 6.66
C TRP A 285 -21.87 0.24 6.85
N LYS A 286 -22.72 1.11 6.28
CA LYS A 286 -22.36 2.52 6.26
C LYS A 286 -22.31 3.10 7.67
N LYS A 287 -23.32 2.81 8.50
CA LYS A 287 -23.28 3.29 9.87
C LYS A 287 -22.09 2.73 10.63
N GLU A 288 -21.80 1.43 10.46
CA GLU A 288 -20.64 0.86 11.13
C GLU A 288 -19.36 1.56 10.71
N LEU A 289 -19.23 1.87 9.41
CA LEU A 289 -18.02 2.53 8.91
C LEU A 289 -17.93 3.96 9.40
N GLU A 290 -19.06 4.70 9.36
CA GLU A 290 -19.06 6.06 9.86
C GLU A 290 -18.67 6.10 11.33
N ASP A 291 -19.25 5.20 12.14
CA ASP A 291 -18.95 5.20 13.57
C ASP A 291 -17.49 4.86 13.84
N LEU A 292 -16.93 3.91 13.09
CA LEU A 292 -15.53 3.55 13.27
C LEU A 292 -14.61 4.71 12.89
N VAL A 293 -14.84 5.29 11.71
CA VAL A 293 -13.98 6.38 11.25
C VAL A 293 -14.07 7.58 12.20
N ARG A 294 -15.30 7.99 12.56
CA ARG A 294 -15.41 9.18 13.41
C ARG A 294 -14.75 8.94 14.76
N ARG A 295 -14.86 7.72 15.29
CA ARG A 295 -14.25 7.39 16.57
C ARG A 295 -12.72 7.38 16.49
N GLU A 296 -12.17 6.71 15.47
CA GLU A 296 -10.72 6.63 15.35
C GLU A 296 -10.13 8.00 15.02
N HIS A 297 -10.79 8.77 14.15
CA HIS A 297 -10.30 10.12 13.87
C HIS A 297 -10.35 10.99 15.11
N ALA A 298 -11.44 10.90 15.89
CA ALA A 298 -11.51 11.65 17.13
C ALA A 298 -10.36 11.27 18.05
N SER A 299 -10.07 9.97 18.11
CA SER A 299 -8.99 9.50 18.98
C SER A 299 -7.63 10.03 18.54
N ILE A 300 -7.37 10.03 17.24
CA ILE A 300 -6.13 10.57 16.72
C ILE A 300 -6.06 12.09 16.93
N ASP A 301 -7.15 12.80 16.65
CA ASP A 301 -7.17 14.25 16.84
C ASP A 301 -6.95 14.63 18.30
N ALA A 302 -7.26 13.73 19.23
CA ALA A 302 -7.15 13.99 20.66
C ALA A 302 -5.81 13.58 21.24
N GLN A 303 -4.92 12.99 20.46
CA GLN A 303 -3.62 12.56 20.98
C GLN A 303 -2.86 13.73 21.61
N LEU B 3 16.69 -13.25 -4.07
CA LEU B 3 15.41 -12.62 -4.37
C LEU B 3 15.59 -11.41 -5.28
N PRO B 4 14.61 -11.13 -6.14
CA PRO B 4 14.74 -9.99 -7.06
C PRO B 4 14.88 -8.68 -6.31
N LYS B 5 15.68 -7.78 -6.88
CA LYS B 5 15.94 -6.49 -6.26
C LYS B 5 15.00 -5.44 -6.80
N LYS B 6 14.73 -4.43 -5.99
CA LYS B 6 13.78 -3.35 -6.37
C LYS B 6 14.41 -2.46 -7.46
N GLY B 8 13.41 0.56 -10.97
CA GLY B 8 12.44 1.57 -11.36
C GLY B 8 11.12 1.04 -11.86
N GLY B 9 11.17 0.06 -12.78
CA GLY B 9 9.94 -0.47 -13.44
C GLY B 9 9.02 -1.11 -12.39
#